data_4L0M
#
_entry.id   4L0M
#
_cell.length_a   48.083
_cell.length_b   48.083
_cell.length_c   241.838
_cell.angle_alpha   90.000
_cell.angle_beta   90.000
_cell.angle_gamma   90.000
#
_symmetry.space_group_name_H-M   'P 43 21 2'
#
loop_
_entity.id
_entity.type
_entity.pdbx_description
1 polymer "putative 5'-methylthioadenosine/S-adenosylhomocysteine nucleosidase"
2 non-polymer ADENINE
3 water water
#
_entity_poly.entity_id   1
_entity_poly.type   'polypeptide(L)'
_entity_poly.pdbx_seq_one_letter_code
;(MSE)HHHHHHSSGVDLGTENLYFQS(MSE)ILIISA(MSE)QEESEEINKILDNKEEIVLNDYLENKKIYKGKILGKDV
ISLTTGIGKVNAATWSSQIISKYKITHIINSGSSGGIKENSNLKILDIIVSSETAYYDFDLTKFGHKIGQVPNLPQKFKA
DEELLKKVANIVDNKLLNIDIHIGLILTGDQFVDNEKNLETIKKNFKDALAVD(MSE)EGAAIAQVAHIFKIPFIIIRSI
SDLPNNKDNHIDFNKFLKTSSINSSK(MSE)TKELIRLI
;
_entity_poly.pdbx_strand_id   A
#
# COMPACT_ATOMS: atom_id res chain seq x y z
N ILE A 24 2.18 -1.74 15.56
CA ILE A 24 2.37 -1.67 14.12
C ILE A 24 1.00 -1.79 13.50
N LEU A 25 0.63 -0.78 12.68
CA LEU A 25 -0.65 -0.79 11.98
C LEU A 25 -0.52 -1.32 10.56
N ILE A 26 -1.16 -2.45 10.29
CA ILE A 26 -1.11 -3.10 8.98
C ILE A 26 -2.46 -2.79 8.33
N ILE A 27 -2.41 -2.07 7.21
CA ILE A 27 -3.60 -1.50 6.60
C ILE A 27 -3.74 -2.10 5.21
N SER A 28 -4.94 -2.56 4.97
CA SER A 28 -5.36 -3.22 3.72
C SER A 28 -6.71 -2.64 3.37
N ALA A 29 -7.02 -2.65 2.08
CA ALA A 29 -8.26 -2.05 1.56
C ALA A 29 -9.38 -3.08 1.49
N GLN A 31 -11.07 -7.09 2.05
CA GLN A 31 -11.11 -8.20 3.02
CA GLN A 31 -11.11 -8.21 3.01
C GLN A 31 -10.20 -9.35 2.58
N GLU A 32 -10.11 -9.59 1.28
CA GLU A 32 -9.23 -10.62 0.74
C GLU A 32 -7.77 -10.33 1.07
N GLU A 33 -7.43 -9.04 1.11
CA GLU A 33 -6.06 -8.63 1.33
C GLU A 33 -5.80 -8.72 2.83
N SER A 34 -6.75 -8.28 3.63
CA SER A 34 -6.56 -8.31 5.08
C SER A 34 -6.59 -9.76 5.59
N GLU A 35 -7.31 -10.64 4.91
CA GLU A 35 -7.42 -12.04 5.37
C GLU A 35 -6.04 -12.72 5.46
N GLU A 36 -5.13 -12.37 4.56
CA GLU A 36 -3.78 -12.94 4.54
C GLU A 36 -2.89 -12.43 5.62
N ILE A 37 -3.22 -11.26 6.15
CA ILE A 37 -2.60 -10.76 7.37
C ILE A 37 -3.26 -11.42 8.62
N ASN A 38 -4.60 -11.45 8.64
CA ASN A 38 -5.34 -11.94 9.81
C ASN A 38 -5.04 -13.44 10.12
N LYS A 39 -4.90 -14.26 9.08
CA LYS A 39 -4.38 -15.64 9.20
C LYS A 39 -3.11 -15.83 10.02
N ILE A 40 -2.21 -14.84 10.04
CA ILE A 40 -0.89 -15.03 10.65
C ILE A 40 -0.75 -14.26 11.95
N LEU A 41 -1.85 -13.73 12.45
CA LEU A 41 -1.82 -13.07 13.75
C LEU A 41 -1.90 -14.15 14.85
N ASP A 42 -1.03 -14.03 15.85
CA ASP A 42 -1.12 -14.82 17.07
C ASP A 42 -1.90 -14.00 18.11
N ASN A 43 -2.58 -14.67 19.05
CA ASN A 43 -3.39 -13.97 20.08
C ASN A 43 -4.46 -13.03 19.48
N LYS A 44 -4.99 -13.43 18.33
CA LYS A 44 -5.91 -12.61 17.56
C LYS A 44 -7.19 -12.37 18.35
N GLU A 45 -7.56 -11.10 18.48
CA GLU A 45 -8.84 -10.72 19.08
C GLU A 45 -9.58 -9.75 18.17
N GLU A 46 -10.90 -9.90 18.12
CA GLU A 46 -11.79 -8.96 17.46
C GLU A 46 -12.04 -7.80 18.39
N ILE A 47 -11.82 -6.57 17.92
CA ILE A 47 -12.15 -5.35 18.68
C ILE A 47 -13.17 -4.53 17.91
N VAL A 48 -14.24 -4.10 18.59
CA VAL A 48 -15.38 -3.44 17.96
C VAL A 48 -15.38 -1.94 18.27
N LEU A 49 -15.45 -1.13 17.21
CA LEU A 49 -15.60 0.32 17.33
C LEU A 49 -17.05 0.61 16.96
N ASN A 50 -17.73 1.31 17.87
CA ASN A 50 -19.19 1.46 17.78
C ASN A 50 -19.77 2.71 18.45
N ASP A 51 -18.94 3.70 18.78
CA ASP A 51 -19.44 4.95 19.36
C ASP A 51 -20.47 5.68 18.49
N TYR A 52 -20.55 5.33 17.20
CA TYR A 52 -21.48 5.96 16.26
C TYR A 52 -22.31 4.87 15.63
N LEU A 53 -22.31 3.70 16.29
CA LEU A 53 -23.04 2.51 15.82
C LEU A 53 -22.51 1.98 14.51
N GLU A 54 -21.26 2.27 14.18
CA GLU A 54 -20.71 1.81 12.91
C GLU A 54 -20.34 0.34 12.93
N ASN A 55 -20.20 -0.22 14.14
CA ASN A 55 -19.94 -1.64 14.32
C ASN A 55 -18.80 -2.07 13.39
N LYS A 56 -17.66 -1.48 13.64
CA LYS A 56 -16.44 -1.69 12.85
C LYS A 56 -15.49 -2.62 13.57
N LYS A 57 -15.20 -3.74 12.94
CA LYS A 57 -14.30 -4.71 13.54
CA LYS A 57 -14.29 -4.76 13.49
C LYS A 57 -12.85 -4.57 13.03
N ILE A 58 -11.91 -4.49 13.99
CA ILE A 58 -10.46 -4.54 13.71
C ILE A 58 -9.87 -5.73 14.49
N TYR A 59 -8.76 -6.27 14.02
CA TYR A 59 -8.13 -7.41 14.70
C TYR A 59 -6.80 -6.99 15.26
N LYS A 60 -6.56 -7.36 16.51
CA LYS A 60 -5.35 -7.02 17.20
C LYS A 60 -4.68 -8.33 17.59
N GLY A 61 -3.37 -8.33 17.62
CA GLY A 61 -2.63 -9.55 17.82
C GLY A 61 -1.12 -9.35 17.84
N LYS A 62 -0.40 -10.42 17.52
CA LYS A 62 1.04 -10.36 17.43
C LYS A 62 1.53 -11.06 16.18
N ILE A 63 2.61 -10.51 15.62
CA ILE A 63 3.35 -11.15 14.55
CA ILE A 63 3.34 -11.16 14.55
C ILE A 63 4.81 -11.24 15.01
N LEU A 64 5.31 -12.47 15.16
CA LEU A 64 6.67 -12.73 15.64
C LEU A 64 6.98 -11.90 16.87
N GLY A 65 6.04 -11.89 17.83
CA GLY A 65 6.22 -11.19 19.10
C GLY A 65 6.06 -9.69 19.08
N LYS A 66 5.58 -9.14 17.97
CA LYS A 66 5.43 -7.70 17.86
C LYS A 66 3.96 -7.36 17.78
N ASP A 67 3.57 -6.34 18.54
CA ASP A 67 2.16 -5.95 18.64
C ASP A 67 1.65 -5.36 17.33
N VAL A 68 0.55 -5.90 16.82
CA VAL A 68 -0.02 -5.52 15.51
C VAL A 68 -1.55 -5.29 15.58
N ILE A 69 -2.01 -4.26 14.88
CA ILE A 69 -3.43 -4.07 14.54
C ILE A 69 -3.60 -4.27 13.04
N SER A 70 -4.47 -5.18 12.63
CA SER A 70 -4.82 -5.33 11.21
C SER A 70 -6.12 -4.57 11.02
N LEU A 71 -6.05 -3.59 10.11
CA LEU A 71 -7.19 -2.73 9.78
C LEU A 71 -7.56 -2.93 8.32
N THR A 72 -8.84 -3.13 8.07
CA THR A 72 -9.37 -3.17 6.71
C THR A 72 -10.14 -1.88 6.44
N THR A 73 -9.76 -1.08 5.43
CA THR A 73 -10.38 0.24 5.25
C THR A 73 -11.57 0.34 4.26
N GLY A 74 -11.65 -0.58 3.31
CA GLY A 74 -12.47 -0.39 2.14
C GLY A 74 -11.59 0.36 1.15
N ILE A 75 -12.07 0.48 -0.08
CA ILE A 75 -11.29 0.95 -1.22
C ILE A 75 -11.27 2.48 -1.39
N GLY A 76 -10.08 2.99 -1.75
CA GLY A 76 -9.98 4.31 -2.25
C GLY A 76 -9.41 5.26 -1.19
N LYS A 77 -9.09 6.46 -1.63
CA LYS A 77 -8.34 7.40 -0.75
C LYS A 77 -9.09 7.79 0.55
N VAL A 78 -10.37 8.07 0.44
CA VAL A 78 -11.16 8.56 1.58
C VAL A 78 -11.41 7.43 2.55
N ASN A 79 -11.70 6.23 2.07
CA ASN A 79 -11.86 5.10 3.02
C ASN A 79 -10.55 4.90 3.80
N ALA A 80 -9.40 4.96 3.09
CA ALA A 80 -8.12 4.61 3.66
C ALA A 80 -7.81 5.67 4.72
N ALA A 81 -8.02 6.94 4.35
CA ALA A 81 -7.70 8.09 5.23
C ALA A 81 -8.60 8.05 6.47
N THR A 82 -9.87 7.81 6.25
CA THR A 82 -10.90 7.88 7.28
C THR A 82 -10.60 6.82 8.38
N TRP A 83 -10.42 5.56 7.98
CA TRP A 83 -10.17 4.48 8.93
C TRP A 83 -8.76 4.49 9.55
N SER A 84 -7.71 4.83 8.78
CA SER A 84 -6.36 4.99 9.32
CA SER A 84 -6.39 4.92 9.38
C SER A 84 -6.38 6.05 10.40
N SER A 85 -7.09 7.14 10.12
CA SER A 85 -7.18 8.25 11.07
C SER A 85 -7.89 7.80 12.39
N GLN A 86 -8.98 7.07 12.27
CA GLN A 86 -9.73 6.56 13.43
C GLN A 86 -8.77 5.76 14.30
N ILE A 87 -8.05 4.81 13.70
CA ILE A 87 -7.26 3.90 14.49
C ILE A 87 -6.12 4.63 15.15
N ILE A 88 -5.52 5.59 14.42
CA ILE A 88 -4.43 6.38 14.93
C ILE A 88 -4.88 7.24 16.14
N SER A 89 -6.16 7.63 16.14
CA SER A 89 -6.71 8.39 17.25
C SER A 89 -6.87 7.54 18.50
N LYS A 90 -7.15 6.25 18.32
CA LYS A 90 -7.56 5.36 19.42
C LYS A 90 -6.46 4.45 19.98
N TYR A 91 -5.31 4.41 19.30
CA TYR A 91 -4.19 3.57 19.70
C TYR A 91 -2.90 4.27 19.42
N LYS A 92 -1.86 3.86 20.13
CA LYS A 92 -0.56 4.44 19.93
C LYS A 92 0.19 3.74 18.79
N ILE A 93 0.15 4.30 17.58
CA ILE A 93 0.73 3.64 16.40
C ILE A 93 2.16 4.08 16.18
N THR A 94 3.06 3.12 16.06
CA THR A 94 4.47 3.43 15.86
C THR A 94 4.94 3.24 14.41
N HIS A 95 4.30 2.35 13.69
CA HIS A 95 4.71 2.08 12.30
C HIS A 95 3.45 1.76 11.53
N ILE A 96 3.44 2.15 10.26
CA ILE A 96 2.32 1.88 9.31
CA ILE A 96 2.31 1.72 9.41
C ILE A 96 2.86 0.98 8.18
N ILE A 97 2.25 -0.16 7.92
CA ILE A 97 2.55 -0.93 6.72
C ILE A 97 1.24 -1.10 5.91
N ASN A 98 1.27 -0.61 4.68
CA ASN A 98 0.14 -0.76 3.70
C ASN A 98 0.37 -2.01 2.83
N SER A 99 -0.45 -3.06 3.02
CA SER A 99 -0.22 -4.33 2.39
C SER A 99 -1.36 -4.51 1.40
N GLY A 100 -1.13 -5.32 0.41
CA GLY A 100 -2.13 -5.65 -0.57
C GLY A 100 -1.66 -5.69 -2.00
N SER A 101 -2.62 -5.52 -2.92
CA SER A 101 -2.38 -5.75 -4.31
C SER A 101 -2.01 -4.45 -5.04
N SER A 102 -1.31 -4.57 -6.16
CA SER A 102 -0.89 -3.44 -6.95
C SER A 102 -0.91 -3.78 -8.43
N GLY A 103 -1.04 -2.75 -9.25
CA GLY A 103 -0.99 -2.89 -10.70
C GLY A 103 0.38 -2.48 -11.21
N GLY A 104 1.14 -3.41 -11.79
CA GLY A 104 2.51 -3.08 -12.21
C GLY A 104 2.52 -2.37 -13.55
N ILE A 105 3.15 -1.21 -13.63
CA ILE A 105 3.02 -0.40 -14.85
C ILE A 105 4.32 -0.17 -15.61
N LYS A 106 5.46 -0.23 -14.92
CA LYS A 106 6.73 0.08 -15.55
C LYS A 106 7.15 -1.05 -16.49
N GLU A 107 7.43 -0.68 -17.74
CA GLU A 107 7.73 -1.64 -18.80
C GLU A 107 9.23 -1.95 -18.93
N ASN A 108 9.50 -3.14 -19.47
CA ASN A 108 10.86 -3.63 -19.67
CA ASN A 108 10.87 -3.64 -19.67
C ASN A 108 11.76 -3.42 -18.46
N SER A 109 11.31 -3.90 -17.30
CA SER A 109 12.09 -3.85 -16.06
C SER A 109 11.84 -5.08 -15.16
N ASN A 110 11.40 -6.18 -15.78
CA ASN A 110 11.17 -7.46 -15.12
C ASN A 110 10.02 -7.51 -14.11
N LEU A 111 8.96 -6.77 -14.39
CA LEU A 111 7.80 -6.75 -13.52
C LEU A 111 6.86 -7.88 -13.84
N LYS A 112 6.61 -8.74 -12.87
CA LYS A 112 5.78 -9.90 -13.10
C LYS A 112 4.69 -10.02 -12.04
N ILE A 113 3.54 -10.52 -12.47
CA ILE A 113 2.44 -10.84 -11.57
C ILE A 113 2.96 -11.75 -10.46
N LEU A 114 2.64 -11.36 -9.22
CA LEU A 114 3.08 -11.97 -7.95
C LEU A 114 4.41 -11.48 -7.40
N ASP A 115 5.17 -10.70 -8.17
CA ASP A 115 6.33 -10.03 -7.63
C ASP A 115 5.92 -9.03 -6.57
N ILE A 116 6.86 -8.73 -5.67
CA ILE A 116 6.68 -7.74 -4.62
C ILE A 116 7.09 -6.35 -5.10
N ILE A 117 6.27 -5.36 -4.73
CA ILE A 117 6.54 -3.95 -4.99
C ILE A 117 6.63 -3.25 -3.62
N VAL A 118 7.71 -2.50 -3.40
CA VAL A 118 7.97 -1.73 -2.15
C VAL A 118 8.14 -0.25 -2.51
N SER A 119 7.38 0.61 -1.85
CA SER A 119 7.55 2.04 -2.00
C SER A 119 8.88 2.58 -1.45
N SER A 120 9.74 3.15 -2.30
CA SER A 120 10.68 4.14 -1.78
C SER A 120 9.99 5.49 -1.58
N GLU A 121 8.98 5.75 -2.39
CA GLU A 121 8.23 6.98 -2.40
C GLU A 121 6.88 6.70 -2.98
N THR A 122 5.94 7.60 -2.69
CA THR A 122 4.63 7.51 -3.21
C THR A 122 4.08 8.92 -3.43
N ALA A 123 3.21 9.05 -4.43
CA ALA A 123 2.57 10.32 -4.78
C ALA A 123 1.21 10.08 -5.45
N TYR A 124 0.28 11.03 -5.39
CA TYR A 124 -0.95 10.91 -6.20
C TYR A 124 -0.66 11.18 -7.65
N TYR A 125 -1.31 10.44 -8.55
CA TYR A 125 -1.32 10.89 -9.95
C TYR A 125 -2.52 11.81 -10.26
N ASP A 126 -3.58 11.77 -9.41
CA ASP A 126 -4.88 12.42 -9.68
C ASP A 126 -5.17 13.65 -8.82
N PHE A 127 -4.15 14.20 -8.19
CA PHE A 127 -4.28 15.45 -7.48
C PHE A 127 -3.65 16.52 -8.39
N ASP A 128 -4.32 17.67 -8.53
CA ASP A 128 -3.85 18.73 -9.48
C ASP A 128 -4.31 20.12 -9.12
N LEU A 129 -3.45 20.81 -8.38
CA LEU A 129 -3.52 22.22 -8.25
C LEU A 129 -2.35 22.84 -9.07
N THR A 130 -2.08 22.30 -10.27
CA THR A 130 -0.97 22.85 -11.15
C THR A 130 -1.18 24.34 -11.42
N LYS A 131 -2.43 24.70 -11.73
CA LYS A 131 -2.81 26.10 -11.94
CA LYS A 131 -2.86 26.11 -11.91
C LYS A 131 -2.29 27.06 -10.86
N PHE A 132 -2.12 26.60 -9.65
CA PHE A 132 -1.54 27.46 -8.59
C PHE A 132 -0.04 27.24 -8.39
N GLY A 133 0.58 26.55 -9.35
CA GLY A 133 2.04 26.33 -9.36
C GLY A 133 2.59 25.14 -8.60
N HIS A 134 1.74 24.39 -7.91
CA HIS A 134 2.17 23.14 -7.28
C HIS A 134 2.49 22.10 -8.35
N LYS A 135 3.39 21.16 -8.03
CA LYS A 135 3.68 20.05 -8.91
C LYS A 135 2.49 19.12 -9.12
N ILE A 136 2.51 18.39 -10.23
CA ILE A 136 1.49 17.43 -10.49
C ILE A 136 1.46 16.39 -9.32
N GLY A 137 0.28 16.20 -8.74
CA GLY A 137 0.11 15.27 -7.61
C GLY A 137 0.38 15.88 -6.26
N GLN A 138 0.83 17.12 -6.25
CA GLN A 138 1.29 17.68 -4.97
C GLN A 138 0.21 18.40 -4.18
N VAL A 139 -0.03 17.97 -2.93
CA VAL A 139 -0.91 18.67 -2.03
C VAL A 139 -0.21 19.83 -1.33
N PRO A 140 -0.89 20.97 -1.22
CA PRO A 140 -0.30 22.14 -0.58
C PRO A 140 0.34 21.93 0.79
N ASN A 141 1.58 22.42 0.93
CA ASN A 141 2.37 22.31 2.18
C ASN A 141 2.88 20.88 2.43
N LEU A 142 2.78 20.01 1.44
CA LEU A 142 3.30 18.65 1.55
C LEU A 142 4.26 18.36 0.40
N PRO A 143 5.13 17.35 0.57
CA PRO A 143 5.96 16.99 -0.57
C PRO A 143 5.11 16.39 -1.64
N GLN A 144 5.55 16.55 -2.89
CA GLN A 144 4.97 15.88 -4.05
C GLN A 144 5.06 14.36 -3.82
N LYS A 145 6.18 13.95 -3.22
CA LYS A 145 6.54 12.54 -3.01
C LYS A 145 6.77 12.27 -1.56
N PHE A 146 5.89 11.46 -0.96
CA PHE A 146 6.10 11.09 0.40
C PHE A 146 7.17 9.99 0.41
N LYS A 147 8.14 10.14 1.26
CA LYS A 147 9.24 9.17 1.30
C LYS A 147 8.93 8.12 2.35
N ALA A 148 9.01 6.86 1.95
CA ALA A 148 8.95 5.80 2.97
C ALA A 148 10.13 5.90 3.96
N ASP A 149 9.91 5.33 5.12
CA ASP A 149 10.83 5.42 6.26
C ASP A 149 12.19 4.85 5.90
N GLU A 150 13.24 5.65 6.15
CA GLU A 150 14.62 5.21 5.86
C GLU A 150 15.00 3.85 6.46
N GLU A 151 14.59 3.61 7.70
CA GLU A 151 14.96 2.39 8.42
C GLU A 151 14.18 1.19 7.88
N LEU A 152 12.89 1.39 7.60
CA LEU A 152 12.11 0.33 6.95
C LEU A 152 12.70 -0.05 5.61
N LEU A 153 13.21 0.93 4.84
CA LEU A 153 13.82 0.63 3.58
C LEU A 153 15.14 -0.16 3.69
N LYS A 154 15.92 0.11 4.73
CA LYS A 154 17.16 -0.64 4.98
C LYS A 154 16.84 -2.07 5.35
N LYS A 155 15.74 -2.26 6.07
CA LYS A 155 15.31 -3.58 6.44
C LYS A 155 14.81 -4.35 5.21
N VAL A 156 14.18 -3.65 4.28
CA VAL A 156 13.82 -4.26 2.97
C VAL A 156 15.06 -4.70 2.22
N ALA A 157 16.03 -3.80 2.09
CA ALA A 157 17.37 -4.14 1.57
C ALA A 157 17.94 -5.45 2.17
N ASN A 158 17.94 -5.56 3.48
CA ASN A 158 18.34 -6.79 4.13
C ASN A 158 17.60 -8.02 3.58
N ILE A 159 16.27 -7.92 3.49
CA ILE A 159 15.46 -9.02 3.01
C ILE A 159 15.84 -9.39 1.58
N VAL A 160 16.06 -8.37 0.72
CA VAL A 160 16.47 -8.58 -0.66
C VAL A 160 17.83 -9.25 -0.71
N ASP A 161 18.80 -8.66 -0.01
CA ASP A 161 20.19 -9.14 -0.06
C ASP A 161 20.37 -10.56 0.42
N ASN A 162 19.59 -10.94 1.43
CA ASN A 162 19.64 -12.30 1.95
C ASN A 162 18.68 -13.28 1.33
N LYS A 163 17.97 -12.87 0.29
CA LYS A 163 17.11 -13.78 -0.46
C LYS A 163 16.23 -14.67 0.42
N LEU A 164 15.56 -14.07 1.39
CA LEU A 164 14.62 -14.78 2.26
C LEU A 164 13.41 -15.32 1.50
N LEU A 165 12.96 -14.56 0.52
CA LEU A 165 11.84 -14.95 -0.30
C LEU A 165 12.36 -15.31 -1.68
N ASN A 166 11.81 -16.38 -2.25
CA ASN A 166 12.11 -16.71 -3.62
C ASN A 166 11.20 -15.89 -4.53
N ILE A 167 11.19 -14.57 -4.35
CA ILE A 167 10.25 -13.70 -5.06
C ILE A 167 11.01 -12.42 -5.40
N ASP A 168 10.98 -12.02 -6.65
CA ASP A 168 11.58 -10.75 -7.04
C ASP A 168 10.89 -9.58 -6.36
N ILE A 169 11.72 -8.70 -5.82
CA ILE A 169 11.28 -7.50 -5.15
C ILE A 169 11.73 -6.28 -5.94
N HIS A 170 10.79 -5.40 -6.22
CA HIS A 170 11.10 -4.13 -6.85
C HIS A 170 10.85 -2.97 -5.91
N ILE A 171 11.81 -2.05 -5.85
CA ILE A 171 11.70 -0.89 -4.99
C ILE A 171 11.58 0.35 -5.82
N GLY A 172 10.54 1.15 -5.60
CA GLY A 172 10.37 2.35 -6.37
C GLY A 172 9.16 3.20 -6.09
N LEU A 173 8.76 3.98 -7.09
CA LEU A 173 7.69 4.95 -6.93
C LEU A 173 6.36 4.29 -7.19
N ILE A 174 5.48 4.36 -6.19
CA ILE A 174 4.13 3.90 -6.37
C ILE A 174 3.17 5.06 -6.42
N LEU A 175 2.25 5.03 -7.39
CA LEU A 175 1.31 6.12 -7.65
C LEU A 175 -0.08 5.71 -7.23
N THR A 176 -0.86 6.68 -6.77
CA THR A 176 -2.15 6.45 -6.17
C THR A 176 -3.14 7.40 -6.79
N GLY A 177 -4.31 6.87 -7.08
CA GLY A 177 -5.47 7.68 -7.40
C GLY A 177 -6.72 6.85 -7.33
N ASP A 178 -7.87 7.49 -7.40
CA ASP A 178 -9.14 6.84 -7.06
C ASP A 178 -9.73 6.11 -8.30
N GLN A 179 -8.86 5.47 -9.09
CA GLN A 179 -9.33 4.69 -10.26
C GLN A 179 -8.63 3.36 -10.31
N PHE A 180 -9.34 2.34 -10.80
CA PHE A 180 -8.72 1.06 -11.16
C PHE A 180 -8.13 1.26 -12.52
N VAL A 181 -6.81 1.17 -12.61
CA VAL A 181 -6.10 1.57 -13.80
C VAL A 181 -6.18 0.45 -14.86
N ASP A 182 -6.53 0.88 -16.08
CA ASP A 182 -6.62 -0.07 -17.21
CA ASP A 182 -6.76 0.03 -17.26
C ASP A 182 -5.81 0.48 -18.36
N ASN A 183 -5.89 -0.17 -19.53
CA ASN A 183 -5.11 0.25 -20.71
C ASN A 183 -5.73 1.38 -21.55
N GLU A 184 -6.82 1.98 -21.07
CA GLU A 184 -7.32 3.25 -21.64
C GLU A 184 -6.21 4.30 -21.50
N LYS A 185 -6.38 5.46 -22.14
CA LYS A 185 -5.28 6.44 -22.24
C LYS A 185 -5.03 7.20 -20.93
N ASN A 186 -5.87 6.92 -19.93
CA ASN A 186 -5.56 7.21 -18.54
C ASN A 186 -4.15 6.71 -18.18
N LEU A 187 -3.85 5.48 -18.54
CA LEU A 187 -2.57 4.85 -18.23
CA LEU A 187 -2.57 4.88 -18.20
C LEU A 187 -1.38 5.66 -18.78
N GLU A 188 -1.50 6.15 -20.01
CA GLU A 188 -0.35 6.80 -20.66
C GLU A 188 -0.02 8.19 -20.11
N THR A 189 -1.04 8.93 -19.70
CA THR A 189 -0.81 10.28 -19.12
C THR A 189 -0.19 10.19 -17.71
N ILE A 190 -0.56 9.16 -16.95
CA ILE A 190 0.14 8.88 -15.69
C ILE A 190 1.62 8.64 -15.98
N LYS A 191 1.89 7.75 -16.94
CA LYS A 191 3.27 7.41 -17.32
C LYS A 191 4.05 8.63 -17.74
N LYS A 192 3.42 9.51 -18.54
CA LYS A 192 4.09 10.74 -18.99
C LYS A 192 4.29 11.75 -17.87
N ASN A 193 3.40 11.72 -16.86
CA ASN A 193 3.56 12.59 -15.70
C ASN A 193 4.65 12.11 -14.73
N PHE A 194 4.83 10.79 -14.65
CA PHE A 194 5.85 10.21 -13.77
C PHE A 194 6.55 9.07 -14.52
N LYS A 195 7.71 9.37 -15.13
CA LYS A 195 8.37 8.41 -16.01
C LYS A 195 8.89 7.16 -15.28
N ASP A 196 9.58 7.40 -14.18
CA ASP A 196 10.15 6.31 -13.36
C ASP A 196 9.14 5.47 -12.52
N ALA A 197 7.85 5.76 -12.63
CA ALA A 197 6.84 5.07 -11.82
C ALA A 197 6.78 3.55 -12.03
N LEU A 198 6.69 2.82 -10.91
CA LEU A 198 6.72 1.36 -10.91
C LEU A 198 5.33 0.72 -10.96
N ALA A 199 4.41 1.25 -10.15
CA ALA A 199 3.13 0.58 -9.92
C ALA A 199 2.06 1.54 -9.39
N VAL A 200 0.84 1.06 -9.31
CA VAL A 200 -0.27 1.87 -8.88
C VAL A 200 -1.07 1.15 -7.86
N ASP A 201 -1.82 1.96 -7.10
CA ASP A 201 -2.74 1.49 -6.10
C ASP A 201 -3.79 2.58 -5.85
N GLU A 203 -4.81 3.52 -2.60
CA GLU A 203 -4.69 3.98 -1.23
C GLU A 203 -3.33 4.42 -0.74
N GLY A 204 -2.27 4.02 -1.41
CA GLY A 204 -0.91 4.19 -0.88
C GLY A 204 -0.56 5.61 -0.48
N ALA A 205 -0.67 6.57 -1.38
CA ALA A 205 -0.34 7.96 -0.99
C ALA A 205 -1.30 8.64 -0.04
N ALA A 206 -2.55 8.13 0.08
CA ALA A 206 -3.49 8.60 1.08
C ALA A 206 -2.97 8.20 2.46
N ILE A 207 -2.52 6.95 2.58
CA ILE A 207 -1.94 6.47 3.81
C ILE A 207 -0.65 7.23 4.14
N ALA A 208 0.15 7.48 3.10
CA ALA A 208 1.40 8.25 3.28
C ALA A 208 1.15 9.68 3.76
N GLN A 209 0.08 10.28 3.29
CA GLN A 209 -0.33 11.60 3.74
C GLN A 209 -0.77 11.59 5.20
N VAL A 210 -1.62 10.63 5.57
CA VAL A 210 -1.99 10.48 6.96
C VAL A 210 -0.70 10.29 7.83
N ALA A 211 0.16 9.38 7.43
CA ALA A 211 1.42 9.11 8.16
C ALA A 211 2.26 10.39 8.37
N HIS A 212 2.36 11.18 7.30
CA HIS A 212 3.08 12.45 7.30
C HIS A 212 2.53 13.42 8.35
N ILE A 213 1.21 13.59 8.30
CA ILE A 213 0.50 14.42 9.28
C ILE A 213 0.85 14.05 10.72
N PHE A 214 0.85 12.75 11.05
CA PHE A 214 1.08 12.26 12.43
C PHE A 214 2.53 11.79 12.70
N LYS A 215 3.41 12.11 11.76
CA LYS A 215 4.82 11.70 11.78
C LYS A 215 5.06 10.23 12.09
N ILE A 216 4.33 9.34 11.44
CA ILE A 216 4.43 7.92 11.71
C ILE A 216 5.15 7.34 10.52
N PRO A 217 6.23 6.56 10.78
CA PRO A 217 6.98 5.97 9.69
C PRO A 217 6.07 5.04 8.90
N PHE A 218 6.11 5.11 7.58
CA PHE A 218 5.29 4.20 6.73
C PHE A 218 6.10 3.51 5.67
N ILE A 219 5.56 2.40 5.20
CA ILE A 219 6.06 1.82 3.99
C ILE A 219 4.88 1.14 3.29
N ILE A 220 4.90 1.17 1.99
CA ILE A 220 3.93 0.36 1.20
C ILE A 220 4.57 -0.95 0.71
N ILE A 221 3.97 -2.10 1.06
CA ILE A 221 4.44 -3.41 0.68
C ILE A 221 3.34 -4.16 -0.08
N ARG A 222 3.41 -4.18 -1.39
CA ARG A 222 2.33 -4.77 -2.15
C ARG A 222 2.89 -5.89 -3.02
N SER A 223 2.00 -6.56 -3.73
CA SER A 223 2.42 -7.54 -4.72
C SER A 223 1.59 -7.30 -5.98
N ILE A 224 2.21 -7.51 -7.13
CA ILE A 224 1.55 -7.36 -8.43
C ILE A 224 0.45 -8.41 -8.70
N SER A 225 -0.79 -7.92 -8.84
CA SER A 225 -1.95 -8.76 -9.17
C SER A 225 -2.23 -8.72 -10.66
N ASP A 226 -1.72 -7.73 -11.33
CA ASP A 226 -2.09 -7.52 -12.68
C ASP A 226 -1.20 -6.47 -13.26
N LEU A 227 -1.20 -6.42 -14.59
CA LEU A 227 -0.42 -5.44 -15.34
C LEU A 227 -1.42 -4.69 -16.23
N PRO A 228 -1.71 -3.41 -15.89
CA PRO A 228 -2.64 -2.49 -16.58
C PRO A 228 -2.56 -2.41 -18.11
N ASN A 229 -1.35 -2.41 -18.68
CA ASN A 229 -1.15 -2.39 -20.15
CA ASN A 229 -1.24 -2.33 -20.15
C ASN A 229 -1.89 -3.52 -20.85
N ASN A 230 -1.90 -4.68 -20.22
CA ASN A 230 -2.52 -5.87 -20.81
C ASN A 230 -4.05 -5.76 -20.83
N LYS A 231 -4.67 -6.51 -21.74
CA LYS A 231 -6.04 -6.22 -22.18
C LYS A 231 -7.14 -6.31 -21.13
N ASP A 232 -7.41 -7.51 -20.61
CA ASP A 232 -8.45 -7.67 -19.58
C ASP A 232 -7.82 -7.78 -18.17
N ASN A 233 -7.04 -6.78 -17.80
CA ASN A 233 -6.26 -6.83 -16.54
C ASN A 233 -7.13 -7.02 -15.30
N HIS A 234 -8.40 -6.60 -15.38
CA HIS A 234 -9.35 -6.90 -14.31
C HIS A 234 -9.58 -8.40 -14.09
N ILE A 235 -9.43 -9.23 -15.13
CA ILE A 235 -9.54 -10.67 -14.97
C ILE A 235 -8.34 -11.17 -14.19
N ASP A 236 -7.14 -10.78 -14.61
CA ASP A 236 -5.93 -11.15 -13.86
C ASP A 236 -6.04 -10.65 -12.41
N PHE A 237 -6.52 -9.41 -12.26
CA PHE A 237 -6.70 -8.83 -10.93
C PHE A 237 -7.57 -9.76 -10.08
N ASN A 238 -8.68 -10.25 -10.64
CA ASN A 238 -9.55 -11.18 -9.88
C ASN A 238 -8.90 -12.54 -9.59
N LYS A 239 -8.22 -13.09 -10.60
CA LYS A 239 -7.46 -14.36 -10.45
C LYS A 239 -6.40 -14.35 -9.35
N PHE A 240 -5.62 -13.27 -9.33
CA PHE A 240 -4.42 -13.18 -8.50
C PHE A 240 -4.54 -12.35 -7.20
N LEU A 241 -5.73 -11.84 -6.92
CA LEU A 241 -5.88 -10.96 -5.76
C LEU A 241 -5.47 -11.67 -4.48
N LYS A 242 -5.94 -12.89 -4.29
CA LYS A 242 -5.66 -13.60 -3.07
C LYS A 242 -4.17 -13.92 -3.00
N THR A 243 -3.61 -14.35 -4.12
CA THR A 243 -2.23 -14.84 -4.12
C THR A 243 -1.23 -13.68 -3.98
N SER A 244 -1.50 -12.60 -4.68
CA SER A 244 -0.72 -11.37 -4.51
C SER A 244 -0.84 -10.90 -3.02
N SER A 245 -2.02 -11.03 -2.42
CA SER A 245 -2.14 -10.79 -0.99
C SER A 245 -1.28 -11.72 -0.13
N ILE A 246 -1.14 -12.99 -0.54
CA ILE A 246 -0.26 -13.96 0.18
C ILE A 246 1.18 -13.45 0.18
N ASN A 247 1.64 -13.03 -0.98
CA ASN A 247 2.97 -12.57 -1.15
C ASN A 247 3.25 -11.25 -0.43
N SER A 248 2.28 -10.32 -0.44
CA SER A 248 2.40 -9.09 0.32
C SER A 248 2.49 -9.43 1.78
N SER A 249 1.70 -10.39 2.24
CA SER A 249 1.73 -10.73 3.65
C SER A 249 3.04 -11.39 4.06
N LYS A 250 3.60 -12.22 3.20
CA LYS A 250 4.89 -12.86 3.49
C LYS A 250 5.99 -11.80 3.67
N THR A 252 5.50 -8.59 4.39
CA THR A 252 5.16 -7.87 5.62
C THR A 252 5.68 -8.60 6.87
N LYS A 253 5.42 -9.91 6.95
CA LYS A 253 5.96 -10.74 8.02
C LYS A 253 7.49 -10.56 8.14
N GLU A 254 8.21 -10.78 7.05
CA GLU A 254 9.67 -10.63 7.11
C GLU A 254 10.14 -9.26 7.52
N LEU A 255 9.46 -8.19 7.06
CA LEU A 255 9.80 -6.84 7.53
C LEU A 255 9.55 -6.69 9.02
N ILE A 256 8.42 -7.21 9.52
CA ILE A 256 8.08 -7.08 10.95
C ILE A 256 9.15 -7.79 11.82
N ARG A 257 9.65 -8.92 11.35
CA ARG A 257 10.76 -9.66 12.00
C ARG A 257 11.89 -8.72 12.35
N LEU A 258 12.19 -7.78 11.45
CA LEU A 258 13.29 -6.87 11.61
C LEU A 258 12.96 -5.57 12.34
N ILE A 259 11.68 -5.23 12.48
CA ILE A 259 11.33 -3.93 13.05
C ILE A 259 11.82 -3.80 14.50
#